data_1M2Q
#
_entry.id   1M2Q
#
_cell.length_a   143.040
_cell.length_b   51.730
_cell.length_c   44.700
_cell.angle_alpha   90.00
_cell.angle_beta   99.33
_cell.angle_gamma   90.00
#
_symmetry.space_group_name_H-M   'C 1 2 1'
#
loop_
_entity.id
_entity.type
_entity.pdbx_description
1 polymer 'Casein kinase II, alpha chain'
2 non-polymer 1,8-DI-HYDROXY-4-NITRO-XANTHEN-9-ONE
3 water water
#
_entity_poly.entity_id   1
_entity_poly.type   'polypeptide(L)'
_entity_poly.pdbx_seq_one_letter_code
;SKARVYADVNVLRPKEYWDYEALTVQWGEQDDYEVVRKVGRGKYSEVFEGINVNNNEKCIIKILKPVKKKKIKREIKILQ
NLCGGPNIVKLLDIVRDQHSKTPSLIFEYVNNTDFKVLYPTLTDYDIRYYIYELLKALDYCHSQGIMHRDVKPHNVMIDH
ELRKLRLIDWGLAEFYHPGKEYNVRVASRYFKGPELLVDLQDYDYSLDMWSLGCMFAGMIFRKEPFFYGHDNHDQLVKIA
KVLGTDGLNVYLNKYRIELDPQLEALVGRHSRKPWLKFMNADNQHLVSPEAIDFLDKLLRYDHQERLTALEAMTHPYFQQ
VRAAENS
;
_entity_poly.pdbx_strand_id   A
#
# COMPACT_ATOMS: atom_id res chain seq x y z
N SER A 1 17.58 12.64 2.84
CA SER A 1 16.18 12.60 3.35
C SER A 1 16.00 11.47 4.34
N LYS A 2 15.18 11.69 5.36
CA LYS A 2 14.88 10.66 6.35
C LYS A 2 13.45 10.82 6.86
N ALA A 3 12.84 9.72 7.30
CA ALA A 3 11.46 9.75 7.78
C ALA A 3 11.28 10.74 8.91
N ARG A 4 10.15 11.43 8.94
CA ARG A 4 9.87 12.41 9.99
C ARG A 4 9.38 11.70 11.25
N VAL A 5 8.93 10.47 11.08
CA VAL A 5 8.47 9.64 12.20
C VAL A 5 8.97 8.20 12.06
N TYR A 6 9.11 7.52 13.20
CA TYR A 6 9.56 6.12 13.26
C TYR A 6 10.88 5.89 12.53
N ALA A 7 11.75 6.88 12.49
CA ALA A 7 13.02 6.73 11.79
C ALA A 7 13.97 5.74 12.46
N ASP A 8 13.98 5.70 13.78
CA ASP A 8 14.89 4.81 14.52
C ASP A 8 14.31 3.48 15.02
N VAL A 9 13.18 3.05 14.47
CA VAL A 9 12.57 1.82 14.91
C VAL A 9 13.49 0.62 14.75
N ASN A 10 14.07 0.46 13.56
CA ASN A 10 14.95 -0.67 13.34
C ASN A 10 16.35 -0.45 13.89
N VAL A 11 16.64 0.79 14.24
CA VAL A 11 17.93 1.15 14.83
C VAL A 11 17.94 0.66 16.28
N LEU A 12 16.79 0.81 16.95
CA LEU A 12 16.64 0.41 18.34
C LEU A 12 16.37 -1.08 18.57
N ARG A 13 15.86 -1.76 17.55
CA ARG A 13 15.55 -3.18 17.69
C ARG A 13 16.72 -4.09 17.35
N PRO A 14 16.72 -5.31 17.93
CA PRO A 14 17.77 -6.30 17.71
C PRO A 14 17.94 -6.60 16.22
N LYS A 15 19.17 -6.82 15.80
CA LYS A 15 19.45 -7.11 14.39
C LYS A 15 18.60 -8.28 13.89
N GLU A 16 18.18 -9.15 14.82
CA GLU A 16 17.37 -10.32 14.48
C GLU A 16 15.95 -9.96 14.04
N TYR A 17 15.50 -8.75 14.37
CA TYR A 17 14.17 -8.30 14.01
C TYR A 17 14.08 -7.97 12.52
N TRP A 18 15.10 -7.28 12.03
CA TRP A 18 15.12 -6.84 10.64
C TRP A 18 16.05 -7.56 9.69
N ASP A 19 16.90 -8.44 10.22
CA ASP A 19 17.83 -9.15 9.36
C ASP A 19 17.17 -10.41 8.80
N TYR A 20 16.21 -10.19 7.90
CA TYR A 20 15.46 -11.27 7.30
C TYR A 20 16.29 -12.34 6.60
N GLU A 21 17.46 -11.97 6.09
CA GLU A 21 18.30 -12.94 5.41
C GLU A 21 18.78 -14.05 6.35
N ALA A 22 18.90 -13.74 7.64
CA ALA A 22 19.35 -14.72 8.63
C ALA A 22 18.20 -15.60 9.10
N LEU A 23 17.01 -15.36 8.57
CA LEU A 23 15.83 -16.12 8.94
C LEU A 23 15.89 -17.57 8.45
N THR A 24 15.50 -18.49 9.32
CA THR A 24 15.47 -19.90 8.96
C THR A 24 14.03 -20.33 9.21
N VAL A 25 13.32 -20.72 8.15
CA VAL A 25 11.91 -21.11 8.26
C VAL A 25 11.73 -22.49 8.90
N GLN A 26 10.67 -22.62 9.68
CA GLN A 26 10.37 -23.87 10.29
C GLN A 26 9.33 -24.47 9.35
N TRP A 27 9.78 -25.08 8.27
CA TRP A 27 8.84 -25.64 7.31
C TRP A 27 7.77 -26.57 7.92
N GLY A 28 6.49 -26.20 7.78
CA GLY A 28 5.43 -27.07 8.29
C GLY A 28 5.22 -28.17 7.27
N GLU A 29 4.14 -28.94 7.42
CA GLU A 29 3.85 -30.03 6.48
C GLU A 29 2.76 -29.62 5.51
N GLN A 30 3.05 -29.86 4.24
CA GLN A 30 2.18 -29.51 3.16
C GLN A 30 0.85 -30.24 3.17
N ASP A 31 0.85 -31.48 3.63
CA ASP A 31 -0.41 -32.19 3.65
C ASP A 31 -1.37 -31.62 4.66
N ASP A 32 -0.90 -30.71 5.50
CA ASP A 32 -1.80 -30.12 6.51
C ASP A 32 -2.82 -29.17 5.88
N TYR A 33 -2.54 -28.73 4.66
CA TYR A 33 -3.42 -27.80 3.96
C TYR A 33 -3.80 -28.36 2.59
N GLU A 34 -5.08 -28.24 2.26
CA GLU A 34 -5.60 -28.76 1.00
C GLU A 34 -6.19 -27.65 0.14
N VAL A 35 -5.68 -27.50 -1.08
CA VAL A 35 -6.17 -26.48 -2.03
C VAL A 35 -7.59 -26.83 -2.49
N VAL A 36 -8.48 -25.84 -2.50
CA VAL A 36 -9.84 -26.11 -2.95
C VAL A 36 -10.17 -25.41 -4.26
N ARG A 37 -9.41 -24.36 -4.59
CA ARG A 37 -9.60 -23.63 -5.84
C ARG A 37 -8.71 -22.38 -5.92
N LYS A 38 -8.46 -21.93 -7.15
CA LYS A 38 -7.64 -20.76 -7.37
C LYS A 38 -8.47 -19.50 -7.13
N VAL A 39 -7.81 -18.43 -6.67
CA VAL A 39 -8.51 -17.17 -6.40
C VAL A 39 -7.84 -15.97 -7.05
N GLY A 40 -6.60 -16.11 -7.45
CA GLY A 40 -5.94 -14.99 -8.08
C GLY A 40 -4.46 -15.17 -8.24
N ARG A 41 -3.76 -14.06 -8.38
CA ARG A 41 -2.32 -14.10 -8.54
C ARG A 41 -1.67 -12.74 -8.33
N GLY A 42 -0.54 -12.74 -7.65
CA GLY A 42 0.20 -11.51 -7.43
C GLY A 42 1.08 -11.40 -8.66
N LYS A 43 2.22 -10.74 -8.52
CA LYS A 43 3.12 -10.60 -9.65
C LYS A 43 3.87 -11.91 -9.81
N TYR A 44 4.29 -12.47 -8.68
CA TYR A 44 5.00 -13.75 -8.69
C TYR A 44 4.45 -14.66 -7.60
N SER A 45 3.14 -14.84 -7.60
CA SER A 45 2.51 -15.70 -6.62
C SER A 45 1.17 -16.18 -7.12
N GLU A 46 0.85 -17.43 -6.80
CA GLU A 46 -0.42 -18.03 -7.17
C GLU A 46 -1.19 -18.15 -5.86
N VAL A 47 -2.39 -17.61 -5.81
CA VAL A 47 -3.18 -17.63 -4.60
C VAL A 47 -4.40 -18.52 -4.68
N PHE A 48 -4.61 -19.35 -3.67
CA PHE A 48 -5.76 -20.26 -3.63
C PHE A 48 -6.45 -20.23 -2.27
N GLU A 49 -7.69 -20.70 -2.27
CA GLU A 49 -8.46 -20.80 -1.05
C GLU A 49 -8.31 -22.26 -0.65
N GLY A 50 -8.08 -22.53 0.62
CA GLY A 50 -7.94 -23.91 1.04
C GLY A 50 -8.65 -24.21 2.34
N ILE A 51 -8.28 -25.34 2.94
CA ILE A 51 -8.85 -25.79 4.20
C ILE A 51 -7.75 -26.50 5.01
N ASN A 52 -7.69 -26.21 6.31
CA ASN A 52 -6.70 -26.79 7.22
C ASN A 52 -7.17 -28.22 7.43
N VAL A 53 -6.33 -29.22 7.14
CA VAL A 53 -6.80 -30.58 7.30
C VAL A 53 -7.09 -30.98 8.73
N ASN A 54 -6.35 -30.36 9.63
CA ASN A 54 -6.46 -30.65 11.03
C ASN A 54 -7.64 -30.09 11.76
N ASN A 55 -7.83 -28.79 11.65
CA ASN A 55 -8.94 -28.24 12.35
C ASN A 55 -10.12 -27.84 11.49
N ASN A 56 -10.06 -28.17 10.19
CA ASN A 56 -11.15 -27.87 9.27
C ASN A 56 -11.51 -26.39 8.99
N GLU A 57 -10.80 -25.40 9.51
CA GLU A 57 -11.20 -24.01 9.19
C GLU A 57 -10.70 -23.59 7.79
N LYS A 58 -11.22 -22.48 7.26
CA LYS A 58 -10.79 -21.98 5.95
C LYS A 58 -9.46 -21.24 6.03
N CYS A 59 -8.68 -21.32 4.97
CA CYS A 59 -7.41 -20.66 4.92
C CYS A 59 -7.11 -20.19 3.51
N ILE A 60 -6.03 -19.44 3.39
CA ILE A 60 -5.59 -18.91 2.12
C ILE A 60 -4.24 -19.54 1.83
N ILE A 61 -4.06 -20.09 0.63
CA ILE A 61 -2.78 -20.68 0.28
C ILE A 61 -2.14 -19.83 -0.82
N LYS A 62 -1.02 -19.20 -0.51
CA LYS A 62 -0.29 -18.35 -1.48
C LYS A 62 1.00 -19.06 -1.87
N ILE A 63 1.08 -19.55 -3.09
CA ILE A 63 2.29 -20.23 -3.56
C ILE A 63 3.16 -19.17 -4.18
N LEU A 64 4.33 -18.97 -3.59
CA LEU A 64 5.24 -17.95 -4.09
C LEU A 64 5.99 -18.46 -5.30
N LYS A 65 5.31 -18.48 -6.46
CA LYS A 65 5.92 -18.91 -7.73
C LYS A 65 7.37 -18.47 -7.64
N PRO A 66 8.26 -19.02 -8.45
CA PRO A 66 9.61 -18.49 -8.24
C PRO A 66 9.72 -16.98 -8.01
N VAL A 67 9.90 -16.57 -6.76
CA VAL A 67 10.14 -15.17 -6.47
C VAL A 67 11.64 -15.44 -6.28
N LYS A 68 12.36 -14.65 -5.49
CA LYS A 68 13.75 -15.05 -5.24
C LYS A 68 13.74 -15.30 -3.75
N LYS A 69 14.44 -16.34 -3.32
CA LYS A 69 14.47 -16.69 -1.91
C LYS A 69 14.76 -15.54 -0.95
N LYS A 70 15.69 -14.67 -1.32
CA LYS A 70 16.01 -13.52 -0.47
C LYS A 70 14.69 -12.78 -0.24
N LYS A 71 13.91 -12.67 -1.31
CA LYS A 71 12.62 -12.00 -1.28
C LYS A 71 11.57 -12.79 -0.47
N ILE A 72 11.68 -14.12 -0.44
CA ILE A 72 10.73 -14.95 0.30
C ILE A 72 10.92 -14.77 1.81
N LYS A 73 12.16 -14.76 2.26
CA LYS A 73 12.47 -14.58 3.68
C LYS A 73 12.01 -13.19 4.14
N ARG A 74 12.18 -12.20 3.27
CA ARG A 74 11.79 -10.84 3.60
C ARG A 74 10.30 -10.79 3.92
N GLU A 75 9.46 -11.29 3.01
CA GLU A 75 8.02 -11.30 3.24
C GLU A 75 7.62 -12.09 4.49
N ILE A 76 8.25 -13.24 4.70
CA ILE A 76 7.92 -14.05 5.87
C ILE A 76 8.28 -13.29 7.15
N LYS A 77 9.50 -12.78 7.20
CA LYS A 77 10.00 -12.05 8.36
C LYS A 77 9.11 -10.84 8.70
N ILE A 78 8.67 -10.13 7.68
CA ILE A 78 7.79 -8.97 7.87
C ILE A 78 6.42 -9.40 8.37
N LEU A 79 5.86 -10.47 7.80
CA LEU A 79 4.54 -10.95 8.22
C LEU A 79 4.53 -11.43 9.67
N GLN A 80 5.63 -12.05 10.07
CA GLN A 80 5.81 -12.54 11.43
C GLN A 80 5.87 -11.39 12.42
N ASN A 81 6.57 -10.34 12.02
CA ASN A 81 6.73 -9.15 12.87
C ASN A 81 5.47 -8.31 13.01
N LEU A 82 4.58 -8.41 12.02
CA LEU A 82 3.34 -7.65 11.96
C LEU A 82 2.09 -8.41 12.41
N CYS A 83 2.21 -9.71 12.62
CA CYS A 83 1.03 -10.48 13.02
C CYS A 83 0.39 -9.94 14.31
N GLY A 84 -0.91 -9.69 14.27
CA GLY A 84 -1.59 -9.15 15.43
C GLY A 84 -1.90 -7.67 15.26
N GLY A 85 -1.15 -7.01 14.38
CA GLY A 85 -1.39 -5.60 14.13
C GLY A 85 -2.79 -5.40 13.60
N PRO A 86 -3.39 -4.22 13.82
CA PRO A 86 -4.75 -3.94 13.34
C PRO A 86 -4.90 -3.96 11.82
N ASN A 87 -5.83 -4.79 11.38
CA ASN A 87 -6.15 -4.93 9.97
C ASN A 87 -5.03 -5.40 9.04
N ILE A 88 -4.12 -6.18 9.59
CA ILE A 88 -3.03 -6.74 8.79
C ILE A 88 -3.27 -8.26 8.66
N VAL A 89 -3.10 -8.78 7.44
CA VAL A 89 -3.31 -10.22 7.23
C VAL A 89 -2.42 -11.03 8.18
N LYS A 90 -2.95 -12.16 8.67
CA LYS A 90 -2.19 -13.00 9.59
C LYS A 90 -1.63 -14.28 9.00
N LEU A 91 -0.31 -14.44 9.07
CA LEU A 91 0.37 -15.63 8.57
C LEU A 91 0.22 -16.73 9.63
N LEU A 92 -0.44 -17.83 9.25
CA LEU A 92 -0.68 -18.97 10.15
C LEU A 92 0.37 -20.07 10.08
N ASP A 93 0.82 -20.39 8.86
CA ASP A 93 1.82 -21.43 8.68
C ASP A 93 2.63 -21.19 7.40
N ILE A 94 3.70 -21.95 7.25
CA ILE A 94 4.58 -21.86 6.09
C ILE A 94 4.98 -23.30 5.72
N VAL A 95 4.76 -23.68 4.46
CA VAL A 95 5.07 -25.04 4.01
C VAL A 95 5.76 -25.05 2.66
N ARG A 96 6.09 -26.25 2.17
CA ARG A 96 6.75 -26.41 0.86
C ARG A 96 5.68 -26.83 -0.13
N ASP A 97 5.76 -26.37 -1.36
CA ASP A 97 4.78 -26.77 -2.38
C ASP A 97 5.31 -27.90 -3.27
N GLN A 98 4.66 -29.05 -3.20
CA GLN A 98 4.98 -30.25 -3.96
C GLN A 98 5.35 -30.01 -5.42
N HIS A 99 4.40 -29.42 -6.14
CA HIS A 99 4.67 -29.13 -7.52
C HIS A 99 5.48 -27.87 -7.56
N SER A 100 6.77 -28.01 -7.28
CA SER A 100 7.73 -26.92 -7.27
C SER A 100 8.52 -26.94 -6.00
N LYS A 101 9.50 -26.08 -5.99
CA LYS A 101 10.29 -25.89 -4.82
C LYS A 101 10.01 -24.41 -4.71
N THR A 102 8.82 -24.18 -4.19
CA THR A 102 8.37 -22.83 -3.99
C THR A 102 7.79 -22.93 -2.61
N PRO A 103 8.11 -21.95 -1.79
CA PRO A 103 7.58 -21.92 -0.43
C PRO A 103 6.10 -21.61 -0.67
N SER A 104 5.24 -21.85 0.31
CA SER A 104 3.81 -21.56 0.18
C SER A 104 3.27 -21.01 1.49
N LEU A 105 2.86 -19.73 1.48
CA LEU A 105 2.36 -19.10 2.70
C LEU A 105 0.88 -19.36 2.97
N ILE A 106 0.60 -19.78 4.20
CA ILE A 106 -0.76 -20.06 4.62
C ILE A 106 -1.23 -18.91 5.48
N PHE A 107 -2.31 -18.27 5.06
CA PHE A 107 -2.85 -17.13 5.78
C PHE A 107 -4.21 -17.47 6.32
N GLU A 108 -4.65 -16.69 7.28
CA GLU A 108 -5.97 -16.89 7.84
C GLU A 108 -6.86 -16.45 6.69
N TYR A 109 -8.02 -17.06 6.55
CA TYR A 109 -8.93 -16.71 5.46
C TYR A 109 -9.48 -15.28 5.54
N VAL A 110 -9.55 -14.63 4.38
CA VAL A 110 -10.05 -13.27 4.23
C VAL A 110 -11.05 -13.27 3.10
N ASN A 111 -12.26 -12.84 3.41
CA ASN A 111 -13.28 -12.81 2.38
C ASN A 111 -13.11 -11.44 1.81
N ASN A 112 -13.14 -11.38 0.51
CA ASN A 112 -12.95 -10.11 -0.09
C ASN A 112 -14.04 -10.02 -1.09
N THR A 113 -14.35 -8.77 -1.41
CA THR A 113 -15.34 -8.46 -2.40
C THR A 113 -14.62 -7.52 -3.38
N ASP A 114 -14.41 -8.00 -4.61
CA ASP A 114 -13.73 -7.23 -5.66
C ASP A 114 -14.08 -5.73 -5.61
N PHE A 115 -13.05 -4.88 -5.48
CA PHE A 115 -13.25 -3.44 -5.39
C PHE A 115 -13.95 -2.81 -6.58
N LYS A 116 -13.82 -3.42 -7.75
CA LYS A 116 -14.46 -2.92 -8.97
C LYS A 116 -15.98 -2.89 -8.86
N VAL A 117 -16.52 -3.79 -8.04
CA VAL A 117 -17.96 -3.89 -7.83
C VAL A 117 -18.34 -3.27 -6.48
N LEU A 118 -17.44 -3.38 -5.51
CA LEU A 118 -17.70 -2.83 -4.19
C LEU A 118 -17.68 -1.31 -4.13
N TYR A 119 -16.58 -0.71 -4.60
CA TYR A 119 -16.40 0.74 -4.58
C TYR A 119 -17.54 1.58 -5.12
N PRO A 120 -18.13 1.19 -6.26
CA PRO A 120 -19.24 1.98 -6.81
C PRO A 120 -20.44 2.08 -5.86
N THR A 121 -20.51 1.16 -4.90
CA THR A 121 -21.64 1.14 -3.95
C THR A 121 -21.38 1.77 -2.58
N LEU A 122 -20.13 2.09 -2.28
CA LEU A 122 -19.80 2.69 -0.97
C LEU A 122 -20.39 4.08 -0.84
N THR A 123 -20.95 4.35 0.34
CA THR A 123 -21.54 5.65 0.63
C THR A 123 -20.44 6.58 1.15
N ASP A 124 -20.74 7.85 1.25
CA ASP A 124 -19.78 8.85 1.75
C ASP A 124 -19.19 8.37 3.08
N TYR A 125 -20.04 7.84 3.95
CA TYR A 125 -19.57 7.38 5.24
C TYR A 125 -18.70 6.13 5.15
N ASP A 126 -19.09 5.18 4.30
CA ASP A 126 -18.33 3.95 4.13
C ASP A 126 -16.89 4.23 3.74
N ILE A 127 -16.69 5.19 2.85
CA ILE A 127 -15.34 5.52 2.40
C ILE A 127 -14.52 6.05 3.58
N ARG A 128 -15.12 6.90 4.40
CA ARG A 128 -14.41 7.45 5.58
C ARG A 128 -14.00 6.28 6.48
N TYR A 129 -14.97 5.40 6.73
CA TYR A 129 -14.75 4.24 7.57
C TYR A 129 -13.62 3.33 7.11
N TYR A 130 -13.69 2.88 5.86
CA TYR A 130 -12.69 1.97 5.34
C TYR A 130 -11.30 2.57 5.20
N ILE A 131 -11.23 3.85 4.85
CA ILE A 131 -9.92 4.49 4.73
C ILE A 131 -9.29 4.58 6.12
N TYR A 132 -10.11 4.84 7.13
CA TYR A 132 -9.62 4.92 8.51
C TYR A 132 -9.06 3.55 8.93
N GLU A 133 -9.75 2.47 8.57
CA GLU A 133 -9.31 1.11 8.90
C GLU A 133 -7.98 0.83 8.22
N LEU A 134 -7.86 1.24 6.97
CA LEU A 134 -6.61 1.04 6.24
C LEU A 134 -5.49 1.84 6.89
N LEU A 135 -5.81 3.05 7.36
CA LEU A 135 -4.83 3.90 8.02
C LEU A 135 -4.31 3.24 9.29
N LYS A 136 -5.17 2.50 9.99
CA LYS A 136 -4.76 1.81 11.21
C LYS A 136 -3.64 0.82 10.90
N ALA A 137 -3.79 0.13 9.76
CA ALA A 137 -2.82 -0.86 9.31
C ALA A 137 -1.49 -0.21 8.93
N LEU A 138 -1.56 0.92 8.23
CA LEU A 138 -0.34 1.62 7.82
C LEU A 138 0.38 2.25 9.01
N ASP A 139 -0.33 2.94 9.89
CA ASP A 139 0.37 3.51 11.03
C ASP A 139 1.03 2.41 11.83
N TYR A 140 0.37 1.24 11.86
CA TYR A 140 0.93 0.11 12.61
C TYR A 140 2.20 -0.41 11.96
N CYS A 141 2.16 -0.73 10.67
CA CYS A 141 3.38 -1.25 10.05
C CYS A 141 4.51 -0.21 10.03
N HIS A 142 4.18 1.07 9.91
CA HIS A 142 5.22 2.12 9.92
C HIS A 142 5.84 2.20 11.32
N SER A 143 5.00 2.11 12.35
CA SER A 143 5.47 2.15 13.72
C SER A 143 6.38 0.95 14.01
N GLN A 144 6.27 -0.09 13.18
CA GLN A 144 7.08 -1.28 13.36
C GLN A 144 8.29 -1.30 12.41
N GLY A 145 8.59 -0.15 11.80
CA GLY A 145 9.72 -0.01 10.91
C GLY A 145 9.61 -0.63 9.53
N ILE A 146 8.38 -0.74 9.03
CA ILE A 146 8.15 -1.36 7.74
C ILE A 146 7.30 -0.51 6.80
N MET A 147 7.69 -0.49 5.53
CA MET A 147 6.96 0.23 4.49
C MET A 147 6.29 -0.88 3.69
N HIS A 148 5.01 -0.72 3.34
CA HIS A 148 4.32 -1.73 2.56
C HIS A 148 4.78 -1.70 1.09
N ARG A 149 4.85 -0.49 0.53
CA ARG A 149 5.29 -0.25 -0.84
C ARG A 149 4.44 -0.77 -2.00
N ASP A 150 3.23 -1.23 -1.73
CA ASP A 150 2.34 -1.68 -2.80
C ASP A 150 0.87 -1.48 -2.42
N VAL A 151 0.58 -0.32 -1.81
CA VAL A 151 -0.76 0.03 -1.41
C VAL A 151 -1.58 0.36 -2.67
N LYS A 152 -2.72 -0.31 -2.81
CA LYS A 152 -3.63 -0.12 -3.95
C LYS A 152 -4.91 -0.92 -3.62
N PRO A 153 -6.04 -0.59 -4.28
CA PRO A 153 -7.32 -1.29 -4.03
C PRO A 153 -7.22 -2.81 -4.04
N HIS A 154 -6.40 -3.32 -4.94
CA HIS A 154 -6.19 -4.75 -5.09
C HIS A 154 -5.60 -5.42 -3.86
N ASN A 155 -4.85 -4.65 -3.05
CA ASN A 155 -4.23 -5.19 -1.84
C ASN A 155 -4.94 -4.82 -0.55
N VAL A 156 -6.17 -4.34 -0.69
CA VAL A 156 -6.99 -3.97 0.45
C VAL A 156 -8.28 -4.78 0.35
N MET A 157 -8.32 -5.92 1.04
CA MET A 157 -9.52 -6.75 0.99
C MET A 157 -10.53 -6.36 2.03
N ILE A 158 -11.76 -6.18 1.55
CA ILE A 158 -12.87 -5.76 2.39
C ILE A 158 -14.04 -6.72 2.38
N ASP A 159 -14.53 -7.06 3.56
CA ASP A 159 -15.70 -7.91 3.70
C ASP A 159 -16.76 -6.87 4.03
N HIS A 160 -17.49 -6.41 3.02
CA HIS A 160 -18.49 -5.38 3.24
C HIS A 160 -19.60 -5.79 4.18
N GLU A 161 -19.92 -7.09 4.21
CA GLU A 161 -20.97 -7.57 5.09
C GLU A 161 -20.58 -7.41 6.56
N LEU A 162 -19.38 -7.84 6.93
CA LEU A 162 -18.90 -7.73 8.31
C LEU A 162 -18.11 -6.44 8.53
N ARG A 163 -18.02 -5.61 7.49
CA ARG A 163 -17.28 -4.35 7.55
C ARG A 163 -15.89 -4.53 8.14
N LYS A 164 -15.15 -5.47 7.55
CA LYS A 164 -13.80 -5.78 7.99
C LYS A 164 -12.81 -5.58 6.84
N LEU A 165 -11.65 -5.01 7.15
CA LEU A 165 -10.63 -4.73 6.15
C LEU A 165 -9.27 -5.35 6.48
N ARG A 166 -8.59 -5.88 5.48
CA ARG A 166 -7.27 -6.46 5.68
C ARG A 166 -6.28 -5.98 4.61
N LEU A 167 -5.10 -5.54 5.04
CA LEU A 167 -4.07 -5.09 4.11
C LEU A 167 -3.27 -6.36 3.76
N ILE A 168 -3.27 -6.72 2.49
CA ILE A 168 -2.57 -7.93 2.03
C ILE A 168 -1.33 -7.69 1.16
N ASP A 169 -0.76 -8.80 0.70
CA ASP A 169 0.44 -8.87 -0.11
C ASP A 169 1.62 -8.01 0.31
N TRP A 170 2.37 -8.52 1.27
CA TRP A 170 3.55 -7.85 1.79
C TRP A 170 4.81 -8.34 1.07
N GLY A 171 4.63 -8.79 -0.18
CA GLY A 171 5.75 -9.27 -0.97
C GLY A 171 6.73 -8.19 -1.39
N LEU A 172 6.31 -6.93 -1.39
CA LEU A 172 7.20 -5.83 -1.78
C LEU A 172 7.57 -4.97 -0.58
N ALA A 173 7.05 -5.32 0.59
CA ALA A 173 7.32 -4.57 1.80
C ALA A 173 8.79 -4.64 2.21
N GLU A 174 9.26 -3.63 2.93
CA GLU A 174 10.65 -3.58 3.38
C GLU A 174 10.84 -2.88 4.71
N PHE A 175 12.00 -3.11 5.32
CA PHE A 175 12.37 -2.49 6.58
C PHE A 175 12.97 -1.14 6.25
N TYR A 176 12.56 -0.11 7.00
CA TYR A 176 13.07 1.22 6.77
C TYR A 176 14.32 1.45 7.63
N HIS A 177 15.39 1.93 6.99
CA HIS A 177 16.64 2.24 7.66
C HIS A 177 17.05 3.63 7.21
N PRO A 178 17.27 4.57 8.16
CA PRO A 178 17.65 5.95 7.83
C PRO A 178 18.77 6.08 6.82
N GLY A 179 18.49 6.79 5.72
CA GLY A 179 19.50 7.02 4.70
C GLY A 179 19.69 5.96 3.63
N LYS A 180 19.08 4.79 3.82
CA LYS A 180 19.23 3.72 2.85
C LYS A 180 18.56 4.03 1.52
N GLU A 181 19.19 3.62 0.43
CA GLU A 181 18.64 3.85 -0.91
C GLU A 181 17.97 2.58 -1.36
N TYR A 182 16.69 2.67 -1.63
CA TYR A 182 15.93 1.51 -2.06
C TYR A 182 15.67 1.49 -3.52
N ASN A 183 15.16 0.34 -3.94
CA ASN A 183 14.81 0.17 -5.30
C ASN A 183 13.59 1.00 -5.62
N VAL A 184 13.54 1.61 -6.80
CA VAL A 184 12.37 2.40 -7.13
C VAL A 184 11.33 1.64 -7.95
N ARG A 185 11.64 0.40 -8.31
CA ARG A 185 10.69 -0.41 -9.09
C ARG A 185 9.79 -1.22 -8.18
N VAL A 186 9.06 -0.49 -7.33
CA VAL A 186 8.14 -1.07 -6.36
C VAL A 186 6.78 -0.43 -6.61
N ALA A 187 5.76 -0.92 -5.93
CA ALA A 187 4.41 -0.38 -6.09
C ALA A 187 3.93 -0.65 -7.52
N SER A 188 2.67 -0.33 -7.79
CA SER A 188 2.11 -0.52 -9.12
C SER A 188 2.11 0.86 -9.77
N ARG A 189 2.36 0.91 -11.08
CA ARG A 189 2.45 2.18 -11.83
C ARG A 189 1.52 3.31 -11.41
N TYR A 190 0.22 3.05 -11.37
CA TYR A 190 -0.75 4.09 -11.03
C TYR A 190 -0.63 4.64 -9.62
N PHE A 191 0.03 3.90 -8.74
CA PHE A 191 0.14 4.31 -7.36
C PHE A 191 1.57 4.69 -6.97
N LYS A 192 2.45 4.77 -7.97
CA LYS A 192 3.84 5.13 -7.72
C LYS A 192 3.99 6.60 -7.34
N GLY A 193 4.71 6.86 -6.26
CA GLY A 193 4.90 8.23 -5.82
C GLY A 193 5.96 8.96 -6.65
N PRO A 194 5.93 10.30 -6.67
CA PRO A 194 6.89 11.11 -7.42
C PRO A 194 8.34 10.68 -7.15
N GLU A 195 8.62 10.28 -5.92
CA GLU A 195 9.98 9.85 -5.56
C GLU A 195 10.45 8.64 -6.38
N LEU A 196 9.55 7.71 -6.67
CA LEU A 196 9.92 6.54 -7.46
C LEU A 196 10.13 6.93 -8.92
N LEU A 197 9.37 7.92 -9.38
CA LEU A 197 9.42 8.38 -10.76
C LEU A 197 10.57 9.33 -11.13
N VAL A 198 11.17 9.97 -10.13
CA VAL A 198 12.29 10.88 -10.38
C VAL A 198 13.59 10.28 -9.83
N ASP A 199 13.52 9.01 -9.43
CA ASP A 199 14.67 8.27 -8.91
C ASP A 199 15.20 8.72 -7.54
N LEU A 200 14.35 9.29 -6.71
CA LEU A 200 14.76 9.70 -5.36
C LEU A 200 14.68 8.39 -4.56
N GLN A 201 15.83 7.73 -4.35
CA GLN A 201 15.88 6.43 -3.68
C GLN A 201 15.85 6.38 -2.16
N ASP A 202 16.24 7.47 -1.50
CA ASP A 202 16.19 7.42 -0.06
C ASP A 202 14.79 7.87 0.38
N TYR A 203 13.78 7.08 0.00
CA TYR A 203 12.41 7.36 0.36
C TYR A 203 12.04 6.64 1.66
N ASP A 204 10.83 6.88 2.15
CA ASP A 204 10.41 6.27 3.40
C ASP A 204 8.92 5.91 3.46
N TYR A 205 8.41 5.75 4.67
CA TYR A 205 7.01 5.40 4.90
C TYR A 205 6.03 6.27 4.12
N SER A 206 6.38 7.55 3.95
CA SER A 206 5.54 8.51 3.22
C SER A 206 5.13 8.08 1.81
N LEU A 207 5.85 7.10 1.24
CA LEU A 207 5.54 6.56 -0.08
C LEU A 207 4.13 5.95 -0.05
N ASP A 208 3.85 5.23 1.04
CA ASP A 208 2.56 4.58 1.21
C ASP A 208 1.44 5.60 1.27
N MET A 209 1.73 6.78 1.81
CA MET A 209 0.72 7.83 1.93
C MET A 209 0.35 8.42 0.58
N TRP A 210 1.30 8.44 -0.35
CA TRP A 210 1.00 8.91 -1.70
C TRP A 210 0.06 7.90 -2.37
N SER A 211 0.41 6.62 -2.28
CA SER A 211 -0.39 5.56 -2.88
C SER A 211 -1.80 5.58 -2.29
N LEU A 212 -1.88 5.83 -0.99
CA LEU A 212 -3.17 5.92 -0.30
C LEU A 212 -3.95 7.08 -0.91
N GLY A 213 -3.24 8.18 -1.15
CA GLY A 213 -3.85 9.36 -1.75
C GLY A 213 -4.41 9.04 -3.12
N CYS A 214 -3.67 8.27 -3.92
CA CYS A 214 -4.12 7.89 -5.26
C CYS A 214 -5.39 7.05 -5.18
N MET A 215 -5.40 6.09 -4.25
CA MET A 215 -6.56 5.22 -4.08
C MET A 215 -7.76 6.06 -3.64
N PHE A 216 -7.54 6.94 -2.67
CA PHE A 216 -8.57 7.82 -2.14
C PHE A 216 -9.16 8.73 -3.23
N ALA A 217 -8.30 9.31 -4.05
CA ALA A 217 -8.75 10.21 -5.12
C ALA A 217 -9.63 9.43 -6.10
N GLY A 218 -9.21 8.22 -6.45
CA GLY A 218 -9.99 7.40 -7.36
C GLY A 218 -11.36 7.09 -6.78
N MET A 219 -11.43 6.90 -5.46
CA MET A 219 -12.68 6.60 -4.76
C MET A 219 -13.66 7.78 -4.68
N ILE A 220 -13.20 8.94 -4.24
CA ILE A 220 -14.08 10.09 -4.13
C ILE A 220 -14.44 10.71 -5.48
N PHE A 221 -13.55 10.60 -6.46
CA PHE A 221 -13.86 11.16 -7.77
C PHE A 221 -14.40 10.12 -8.74
N ARG A 222 -14.46 8.86 -8.32
CA ARG A 222 -14.98 7.79 -9.16
C ARG A 222 -14.21 7.73 -10.49
N LYS A 223 -12.88 7.80 -10.39
CA LYS A 223 -11.99 7.76 -11.54
C LYS A 223 -10.82 6.84 -11.16
N GLU A 224 -10.86 5.59 -11.60
CA GLU A 224 -9.80 4.63 -11.27
C GLU A 224 -9.11 4.06 -12.51
N PRO A 225 -7.78 4.20 -12.59
CA PRO A 225 -6.98 4.87 -11.57
C PRO A 225 -7.10 6.38 -11.77
N PHE A 226 -6.77 7.15 -10.75
CA PHE A 226 -6.83 8.60 -10.85
C PHE A 226 -5.74 9.17 -11.73
N PHE A 227 -4.53 8.61 -11.63
CA PHE A 227 -3.41 9.04 -12.48
C PHE A 227 -3.15 7.85 -13.40
N TYR A 228 -3.70 7.96 -14.60
CA TYR A 228 -3.62 6.89 -15.60
C TYR A 228 -2.49 7.02 -16.64
N GLY A 229 -1.25 6.74 -16.21
CA GLY A 229 -0.10 6.81 -17.10
C GLY A 229 0.11 5.48 -17.82
N HIS A 230 0.74 5.52 -18.99
CA HIS A 230 0.96 4.30 -19.76
C HIS A 230 2.33 3.65 -19.60
N ASP A 231 3.17 4.30 -18.82
CA ASP A 231 4.52 3.82 -18.51
C ASP A 231 5.00 4.76 -17.42
N ASN A 232 6.11 4.44 -16.77
CA ASN A 232 6.58 5.28 -15.67
C ASN A 232 6.82 6.76 -15.98
N HIS A 233 7.37 7.04 -17.15
CA HIS A 233 7.61 8.40 -17.56
C HIS A 233 6.30 9.15 -17.73
N ASP A 234 5.34 8.51 -18.41
CA ASP A 234 4.03 9.11 -18.65
C ASP A 234 3.26 9.26 -17.33
N GLN A 235 3.55 8.39 -16.39
CA GLN A 235 2.90 8.44 -15.07
C GLN A 235 3.24 9.79 -14.42
N LEU A 236 4.50 10.21 -14.48
CA LEU A 236 4.90 11.49 -13.91
C LEU A 236 4.23 12.63 -14.66
N VAL A 237 4.03 12.44 -15.95
CA VAL A 237 3.37 13.46 -16.75
C VAL A 237 1.93 13.62 -16.29
N LYS A 238 1.23 12.51 -16.08
CA LYS A 238 -0.16 12.55 -15.63
C LYS A 238 -0.30 13.26 -14.29
N ILE A 239 0.68 13.06 -13.41
CA ILE A 239 0.67 13.69 -12.09
C ILE A 239 0.90 15.20 -12.25
N ALA A 240 1.89 15.56 -13.06
CA ALA A 240 2.23 16.96 -13.31
C ALA A 240 1.07 17.74 -13.93
N LYS A 241 0.25 17.07 -14.73
CA LYS A 241 -0.90 17.68 -15.40
C LYS A 241 -1.99 18.06 -14.40
N VAL A 242 -1.88 17.52 -13.19
CA VAL A 242 -2.85 17.81 -12.15
C VAL A 242 -2.25 18.70 -11.06
N LEU A 243 -1.11 18.30 -10.52
CA LEU A 243 -0.47 19.07 -9.46
C LEU A 243 0.30 20.29 -9.98
N GLY A 244 0.58 20.31 -11.28
CA GLY A 244 1.31 21.43 -11.85
C GLY A 244 2.81 21.20 -11.77
N THR A 245 3.55 21.83 -12.69
CA THR A 245 5.01 21.68 -12.69
C THR A 245 5.73 22.65 -11.76
N ASP A 246 5.04 23.69 -11.30
CA ASP A 246 5.64 24.67 -10.38
C ASP A 246 6.09 23.94 -9.12
N GLY A 247 5.18 23.13 -8.57
CA GLY A 247 5.50 22.38 -7.37
C GLY A 247 6.54 21.31 -7.64
N LEU A 248 6.52 20.75 -8.85
CA LEU A 248 7.48 19.70 -9.22
C LEU A 248 8.85 20.32 -9.21
N ASN A 249 8.90 21.56 -9.67
CA ASN A 249 10.14 22.25 -9.75
C ASN A 249 10.73 22.56 -8.39
N VAL A 250 9.91 23.04 -7.47
CA VAL A 250 10.38 23.30 -6.14
C VAL A 250 10.95 22.01 -5.50
N TYR A 251 10.25 20.89 -5.75
CA TYR A 251 10.63 19.57 -5.23
C TYR A 251 12.00 19.10 -5.73
N LEU A 252 12.19 19.12 -7.05
CA LEU A 252 13.43 18.69 -7.67
C LEU A 252 14.61 19.53 -7.23
N ASN A 253 14.34 20.81 -7.04
CA ASN A 253 15.35 21.78 -6.61
C ASN A 253 15.76 21.49 -5.17
N LYS A 254 14.76 21.30 -4.31
CA LYS A 254 14.97 20.99 -2.90
C LYS A 254 15.84 19.75 -2.68
N TYR A 255 15.59 18.70 -3.46
CA TYR A 255 16.36 17.46 -3.32
C TYR A 255 17.51 17.30 -4.31
N ARG A 256 17.84 18.39 -4.98
CA ARG A 256 18.95 18.40 -5.94
C ARG A 256 18.81 17.29 -6.96
N ILE A 257 17.59 17.09 -7.49
CA ILE A 257 17.36 16.04 -8.49
C ILE A 257 17.25 16.64 -9.90
N GLU A 258 17.92 16.02 -10.86
CA GLU A 258 17.90 16.48 -12.24
C GLU A 258 17.16 15.47 -13.12
N LEU A 259 15.99 15.83 -13.63
CA LEU A 259 15.25 14.93 -14.50
C LEU A 259 16.07 14.68 -15.76
N ASP A 260 16.07 13.45 -16.25
CA ASP A 260 16.82 13.14 -17.46
C ASP A 260 16.17 14.01 -18.55
N PRO A 261 16.92 14.31 -19.62
CA PRO A 261 16.38 15.13 -20.70
C PRO A 261 15.08 14.65 -21.33
N GLN A 262 15.01 13.34 -21.56
CA GLN A 262 13.82 12.76 -22.17
C GLN A 262 12.58 13.01 -21.32
N LEU A 263 12.67 12.63 -20.05
CA LEU A 263 11.54 12.81 -19.14
C LEU A 263 11.16 14.28 -18.97
N GLU A 264 12.16 15.16 -18.87
CA GLU A 264 11.88 16.58 -18.69
C GLU A 264 11.06 17.16 -19.85
N ALA A 265 11.36 16.70 -21.07
CA ALA A 265 10.63 17.16 -22.24
C ALA A 265 9.21 16.61 -22.19
N LEU A 266 9.06 15.33 -21.89
CA LEU A 266 7.73 14.73 -21.81
C LEU A 266 6.86 15.45 -20.79
N VAL A 267 7.44 15.77 -19.64
CA VAL A 267 6.71 16.46 -18.57
C VAL A 267 6.21 17.84 -19.01
N GLY A 268 7.03 18.55 -19.75
CA GLY A 268 6.65 19.87 -20.23
C GLY A 268 6.37 20.84 -19.10
N ARG A 269 5.33 21.63 -19.24
CA ARG A 269 4.96 22.59 -18.21
C ARG A 269 3.45 22.67 -18.12
N HIS A 270 2.93 22.61 -16.90
CA HIS A 270 1.49 22.64 -16.68
C HIS A 270 1.14 23.42 -15.43
N SER A 271 0.00 24.08 -15.48
CA SER A 271 -0.46 24.84 -14.34
C SER A 271 -1.30 23.87 -13.50
N ARG A 272 -1.37 24.13 -12.21
CA ARG A 272 -2.12 23.28 -11.31
C ARG A 272 -3.62 23.24 -11.61
N LYS A 273 -4.21 22.05 -11.57
CA LYS A 273 -5.63 21.87 -11.82
C LYS A 273 -6.38 21.66 -10.50
N PRO A 274 -7.22 22.63 -10.09
CA PRO A 274 -7.99 22.56 -8.84
C PRO A 274 -8.75 21.24 -8.67
N TRP A 275 -8.71 20.70 -7.45
CA TRP A 275 -9.38 19.44 -7.15
C TRP A 275 -10.87 19.48 -7.50
N LEU A 276 -11.50 20.62 -7.26
CA LEU A 276 -12.92 20.76 -7.55
C LEU A 276 -13.22 20.59 -9.05
N LYS A 277 -12.21 20.84 -9.89
CA LYS A 277 -12.41 20.69 -11.33
C LYS A 277 -12.72 19.24 -11.70
N PHE A 278 -12.43 18.31 -10.78
CA PHE A 278 -12.67 16.89 -11.02
C PHE A 278 -14.09 16.44 -10.61
N MET A 279 -14.82 17.32 -9.94
CA MET A 279 -16.16 17.00 -9.51
C MET A 279 -17.16 17.01 -10.67
N ASN A 280 -18.06 16.03 -10.67
CA ASN A 280 -19.09 15.93 -11.68
C ASN A 280 -20.32 15.23 -11.10
N ALA A 281 -21.33 15.03 -11.94
CA ALA A 281 -22.57 14.39 -11.52
C ALA A 281 -22.39 13.02 -10.90
N ASP A 282 -21.40 12.27 -11.39
CA ASP A 282 -21.15 10.91 -10.89
C ASP A 282 -20.49 10.86 -9.51
N ASN A 283 -19.83 11.94 -9.10
CA ASN A 283 -19.08 11.93 -7.83
C ASN A 283 -19.40 13.01 -6.85
N GLN A 284 -20.42 13.76 -7.19
CA GLN A 284 -20.83 14.83 -6.37
C GLN A 284 -21.20 14.35 -4.97
N HIS A 285 -21.83 13.18 -4.91
CA HIS A 285 -22.25 12.69 -3.61
C HIS A 285 -21.08 12.32 -2.69
N LEU A 286 -19.85 12.34 -3.21
CA LEU A 286 -18.66 11.96 -2.44
C LEU A 286 -17.63 13.07 -2.27
N VAL A 287 -17.71 14.09 -3.11
CA VAL A 287 -16.74 15.17 -3.01
C VAL A 287 -17.23 16.26 -2.05
N SER A 288 -16.54 16.37 -0.92
CA SER A 288 -16.85 17.36 0.08
C SER A 288 -15.57 18.09 0.42
N PRO A 289 -15.68 19.32 0.97
CA PRO A 289 -14.51 20.12 1.35
C PRO A 289 -13.53 19.37 2.25
N GLU A 290 -14.05 18.55 3.17
CA GLU A 290 -13.17 17.80 4.06
C GLU A 290 -12.43 16.70 3.29
N ALA A 291 -13.11 16.05 2.34
CA ALA A 291 -12.49 14.99 1.54
C ALA A 291 -11.35 15.57 0.71
N ILE A 292 -11.60 16.72 0.11
CA ILE A 292 -10.61 17.41 -0.72
C ILE A 292 -9.42 17.89 0.11
N ASP A 293 -9.67 18.40 1.32
CA ASP A 293 -8.59 18.87 2.17
C ASP A 293 -7.68 17.69 2.56
N PHE A 294 -8.31 16.58 2.94
CA PHE A 294 -7.56 15.39 3.31
C PHE A 294 -6.71 14.92 2.12
N LEU A 295 -7.35 14.80 0.94
CA LEU A 295 -6.65 14.37 -0.27
C LEU A 295 -5.48 15.28 -0.60
N ASP A 296 -5.73 16.59 -0.54
CA ASP A 296 -4.72 17.60 -0.83
C ASP A 296 -3.47 17.43 0.02
N LYS A 297 -3.65 16.99 1.26
CA LYS A 297 -2.54 16.79 2.19
C LYS A 297 -1.80 15.46 2.00
N LEU A 298 -2.32 14.60 1.14
CA LEU A 298 -1.68 13.31 0.86
C LEU A 298 -0.91 13.41 -0.44
N LEU A 299 -1.55 13.97 -1.45
CA LEU A 299 -0.93 14.13 -2.76
C LEU A 299 -0.06 15.38 -2.90
N ARG A 300 1.12 15.31 -2.29
CA ARG A 300 2.11 16.37 -2.34
C ARG A 300 3.35 15.76 -2.97
N TYR A 301 4.01 16.49 -3.86
CA TYR A 301 5.23 15.98 -4.49
C TYR A 301 6.23 15.64 -3.40
N ASP A 302 6.48 16.61 -2.52
CA ASP A 302 7.43 16.44 -1.43
C ASP A 302 6.93 15.43 -0.42
N HIS A 303 7.58 14.27 -0.40
CA HIS A 303 7.17 13.22 0.51
C HIS A 303 7.23 13.71 1.96
N GLN A 304 8.11 14.66 2.26
CA GLN A 304 8.21 15.16 3.61
C GLN A 304 7.04 16.02 4.04
N GLU A 305 6.28 16.52 3.06
CA GLU A 305 5.11 17.36 3.32
C GLU A 305 3.82 16.58 3.53
N ARG A 306 3.80 15.30 3.14
CA ARG A 306 2.60 14.48 3.28
C ARG A 306 2.24 14.16 4.72
N LEU A 307 0.95 13.95 4.97
CA LEU A 307 0.49 13.59 6.29
C LEU A 307 1.07 12.22 6.61
N THR A 308 1.34 11.97 7.90
CA THR A 308 1.82 10.67 8.33
C THR A 308 0.51 9.91 8.57
N ALA A 309 0.56 8.58 8.63
CA ALA A 309 -0.66 7.82 8.86
C ALA A 309 -1.35 8.22 10.17
N LEU A 310 -0.56 8.50 11.20
CA LEU A 310 -1.11 8.90 12.51
C LEU A 310 -1.82 10.24 12.40
N GLU A 311 -1.20 11.21 11.71
CA GLU A 311 -1.81 12.54 11.52
C GLU A 311 -3.09 12.41 10.70
N ALA A 312 -3.01 11.61 9.63
CA ALA A 312 -4.14 11.38 8.74
C ALA A 312 -5.37 10.92 9.52
N MET A 313 -5.17 10.00 10.45
CA MET A 313 -6.27 9.47 11.25
C MET A 313 -6.97 10.51 12.14
N THR A 314 -6.31 11.62 12.43
CA THR A 314 -6.90 12.65 13.28
C THR A 314 -7.55 13.76 12.45
N HIS A 315 -7.51 13.63 11.12
CA HIS A 315 -8.09 14.64 10.26
C HIS A 315 -9.59 14.72 10.52
N PRO A 316 -10.16 15.94 10.52
CA PRO A 316 -11.60 16.11 10.75
C PRO A 316 -12.49 15.28 9.82
N TYR A 317 -11.95 14.89 8.67
CA TYR A 317 -12.71 14.07 7.70
C TYR A 317 -13.21 12.80 8.37
N PHE A 318 -12.45 12.25 9.30
CA PHE A 318 -12.83 11.03 10.00
C PHE A 318 -13.43 11.27 11.38
N GLN A 319 -13.88 12.50 11.64
CA GLN A 319 -14.37 12.80 12.97
C GLN A 319 -15.53 11.95 13.46
N GLN A 320 -16.45 11.59 12.56
CA GLN A 320 -17.59 10.77 12.95
C GLN A 320 -17.16 9.33 13.19
N VAL A 321 -16.17 8.87 12.42
CA VAL A 321 -15.64 7.51 12.53
C VAL A 321 -15.00 7.34 13.91
N ARG A 322 -14.23 8.35 14.33
CA ARG A 322 -13.58 8.33 15.63
C ARG A 322 -14.63 8.44 16.75
N ALA A 323 -15.56 9.37 16.59
CA ALA A 323 -16.60 9.57 17.59
C ALA A 323 -17.31 8.24 17.84
N ALA A 324 -17.76 7.60 16.77
CA ALA A 324 -18.46 6.32 16.85
C ALA A 324 -17.60 5.27 17.54
N GLU A 325 -16.30 5.33 17.28
CA GLU A 325 -15.34 4.39 17.86
C GLU A 325 -15.18 4.61 19.37
N ASN A 326 -15.11 5.86 19.81
CA ASN A 326 -14.97 6.18 21.24
C ASN A 326 -16.24 5.82 22.02
N SER A 327 -16.96 4.78 21.64
CA SER A 327 -18.19 4.40 22.36
C SER A 327 -18.39 2.89 22.49
#